data_2WZZ
#
_entry.id   2WZZ
#
_cell.length_a   44.791
_cell.length_b   72.575
_cell.length_c   106.271
_cell.angle_alpha   90.00
_cell.angle_beta   90.00
_cell.angle_gamma   90.00
#
_symmetry.space_group_name_H-M   'P 21 21 21'
#
loop_
_entity.id
_entity.type
_entity.pdbx_description
1 polymer BETA-LACTAMASE
2 non-polymer (3R)-1-[(4R)-AZEPAN-4-YLCARBAMOYL]-3-(SULFOAMINO)-L-PROLINE
3 non-polymer 'CHLORIDE ION'
4 water water
#
_entity_poly.entity_id   1
_entity_poly.type   'polypeptide(L)'
_entity_poly.pdbx_seq_one_letter_code
;GEAPADRLKALVDAAVQPVMKANDIPGLAVAISLKGEPHYFSYGLASKEDGRRVTPETLFEIGSVSKTFTATLAGYALTQ
DKMRLDDRASQHWPALQGSRFDGISLLDLATYTAGGLPLQFPDSVQKDQAQIRDYYRQWQPTYAPGSQRLYSNPSIGLFG
YLAARSLGQPFERLMEQQVFPALGLEQTHLDVPEAALAQYAQGYGKDDRPLRVGPGPLDAEGYGVKTSAADLLRFVDANL
HPERLDRPWAQALDATHRGYYKVGDMTQGLGWEAYDWPISLKRLQAGNSTPMALQPHRIARLPAPQALEGQRLLNKTGST
NGFGAYVAFVPGRDLGLVILANRNYPNAERVKIAYAILSGLEQQGKVPLKR
;
_entity_poly.pdbx_strand_id   A
#
# COMPACT_ATOMS: atom_id res chain seq x y z
N ALA A 3 6.29 -34.24 -4.14
CA ALA A 3 7.36 -33.37 -4.71
C ALA A 3 6.98 -31.88 -4.80
N PRO A 4 5.75 -31.55 -5.25
CA PRO A 4 5.34 -30.14 -5.39
C PRO A 4 5.38 -29.34 -4.08
N ALA A 5 4.81 -29.89 -3.01
CA ALA A 5 4.87 -29.23 -1.70
C ALA A 5 6.30 -29.09 -1.21
N ASP A 6 7.11 -30.14 -1.42
CA ASP A 6 8.52 -30.12 -1.04
C ASP A 6 9.29 -29.06 -1.81
N ARG A 7 9.04 -28.96 -3.12
CA ARG A 7 9.75 -28.01 -3.96
C ARG A 7 9.38 -26.57 -3.63
N LEU A 8 8.10 -26.32 -3.35
CA LEU A 8 7.65 -24.99 -2.98
C LEU A 8 8.27 -24.53 -1.66
N LYS A 9 8.23 -25.40 -0.64
CA LYS A 9 8.92 -25.11 0.61
C LYS A 9 10.41 -24.82 0.40
N ALA A 10 11.08 -25.67 -0.38
CA ALA A 10 12.49 -25.48 -0.66
C ALA A 10 12.77 -24.13 -1.32
N LEU A 11 11.93 -23.75 -2.28
CA LEU A 11 12.06 -22.49 -3.02
C LEU A 11 11.87 -21.27 -2.10
N VAL A 12 10.81 -21.30 -1.29
CA VAL A 12 10.51 -20.17 -0.41
C VAL A 12 11.57 -20.06 0.69
N ASP A 13 11.92 -21.19 1.32
CA ASP A 13 13.00 -21.18 2.33
C ASP A 13 14.31 -20.61 1.76
N ALA A 14 14.66 -21.03 0.55
CA ALA A 14 15.90 -20.60 -0.08
C ALA A 14 15.91 -19.10 -0.37
N ALA A 15 14.73 -18.55 -0.69
CA ALA A 15 14.57 -17.12 -0.96
C ALA A 15 14.59 -16.30 0.34
N VAL A 16 13.89 -16.81 1.34
CA VAL A 16 13.65 -16.05 2.57
C VAL A 16 14.80 -16.13 3.57
N GLN A 17 15.28 -17.32 3.86
CA GLN A 17 16.21 -17.51 4.98
C GLN A 17 17.50 -16.66 4.95
N PRO A 18 18.21 -16.63 3.79
CA PRO A 18 19.42 -15.77 3.78
C PRO A 18 19.12 -14.28 3.94
N VAL A 19 18.00 -13.83 3.37
CA VAL A 19 17.63 -12.43 3.50
C VAL A 19 17.22 -12.07 4.94
N MET A 20 16.47 -12.95 5.61
CA MET A 20 16.16 -12.76 7.04
C MET A 20 17.42 -12.68 7.90
N LYS A 21 18.35 -13.60 7.65
CA LYS A 21 19.60 -13.64 8.41
C LYS A 21 20.40 -12.37 8.18
N ALA A 22 20.56 -11.99 6.91
CA ALA A 22 21.39 -10.85 6.53
C ALA A 22 20.86 -9.50 7.04
N ASN A 23 19.53 -9.41 7.20
CA ASN A 23 18.89 -8.19 7.64
C ASN A 23 18.43 -8.27 9.09
N ASP A 24 18.85 -9.33 9.78
CA ASP A 24 18.52 -9.59 11.19
C ASP A 24 17.01 -9.42 11.47
N ILE A 25 16.20 -10.01 10.62
CA ILE A 25 14.75 -9.88 10.74
C ILE A 25 14.24 -10.89 11.77
N PRO A 26 13.60 -10.41 12.86
CA PRO A 26 13.18 -11.42 13.84
C PRO A 26 12.08 -12.37 13.38
N GLY A 27 11.09 -11.84 12.66
CA GLY A 27 9.94 -12.63 12.21
C GLY A 27 9.46 -12.17 10.84
N LEU A 28 9.04 -13.15 10.03
CA LEU A 28 8.63 -12.87 8.66
C LEU A 28 7.58 -13.88 8.21
N ALA A 29 6.50 -13.36 7.61
CA ALA A 29 5.42 -14.20 7.08
C ALA A 29 5.33 -14.03 5.57
N VAL A 30 5.25 -15.16 4.86
CA VAL A 30 5.02 -15.18 3.43
C VAL A 30 3.67 -15.84 3.18
N ALA A 31 2.91 -15.28 2.25
CA ALA A 31 1.72 -15.94 1.73
C ALA A 31 1.74 -15.84 0.20
N ILE A 32 1.48 -16.97 -0.46
CA ILE A 32 1.50 -17.05 -1.91
C ILE A 32 0.17 -17.59 -2.42
N SER A 33 -0.41 -16.92 -3.42
CA SER A 33 -1.59 -17.44 -4.12
C SER A 33 -1.11 -18.02 -5.45
N LEU A 34 -1.31 -19.32 -5.62
CA LEU A 34 -0.82 -20.05 -6.78
C LEU A 34 -1.88 -21.05 -7.26
N LYS A 35 -2.22 -20.96 -8.54
CA LYS A 35 -3.22 -21.85 -9.16
C LYS A 35 -4.53 -21.94 -8.34
N GLY A 36 -4.94 -20.81 -7.77
CA GLY A 36 -6.18 -20.69 -7.02
C GLY A 36 -6.16 -21.23 -5.59
N GLU A 37 -4.97 -21.43 -5.04
CA GLU A 37 -4.83 -21.94 -3.67
C GLU A 37 -3.83 -21.09 -2.87
N PRO A 38 -4.11 -20.87 -1.56
CA PRO A 38 -3.14 -20.15 -0.72
C PRO A 38 -2.09 -21.07 -0.12
N HIS A 39 -0.86 -20.55 0.00
CA HIS A 39 0.25 -21.28 0.60
C HIS A 39 0.92 -20.33 1.59
N TYR A 40 1.10 -20.80 2.82
CA TYR A 40 1.70 -19.96 3.87
C TYR A 40 3.02 -20.50 4.36
N PHE A 41 3.98 -19.60 4.58
CA PHE A 41 5.29 -19.94 5.13
C PHE A 41 5.63 -18.92 6.19
N SER A 42 5.87 -19.38 7.41
CA SER A 42 6.07 -18.48 8.55
C SER A 42 7.42 -18.74 9.19
N TYR A 43 8.11 -17.65 9.53
CA TYR A 43 9.49 -17.74 10.00
C TYR A 43 9.69 -16.91 11.24
N GLY A 44 10.42 -17.47 12.22
CA GLY A 44 10.89 -16.70 13.36
C GLY A 44 9.84 -16.23 14.33
N LEU A 45 10.13 -15.10 14.97
CA LEU A 45 9.40 -14.66 16.16
C LEU A 45 8.68 -13.34 15.94
N ALA A 46 7.41 -13.32 16.34
CA ALA A 46 6.62 -12.10 16.41
C ALA A 46 7.12 -11.20 17.55
N SER A 47 7.55 -11.81 18.65
CA SER A 47 8.15 -11.08 19.76
C SER A 47 9.37 -11.87 20.29
N LYS A 48 10.54 -11.24 20.25
CA LYS A 48 11.75 -11.88 20.74
C LYS A 48 11.69 -12.08 22.25
N GLU A 49 10.97 -11.19 22.93
CA GLU A 49 10.94 -11.17 24.40
C GLU A 49 10.00 -12.21 25.01
N ASP A 50 8.82 -12.38 24.43
CA ASP A 50 7.87 -13.38 24.97
C ASP A 50 7.82 -14.69 24.19
N GLY A 51 8.56 -14.75 23.09
CA GLY A 51 8.71 -15.99 22.31
C GLY A 51 7.55 -16.34 21.40
N ARG A 52 6.59 -15.44 21.25
CA ARG A 52 5.48 -15.65 20.31
C ARG A 52 6.04 -15.85 18.90
N ARG A 53 5.65 -16.95 18.26
CA ARG A 53 6.09 -17.26 16.89
C ARG A 53 5.20 -16.58 15.86
N VAL A 54 5.78 -16.28 14.70
CA VAL A 54 5.01 -15.80 13.54
C VAL A 54 4.15 -16.95 13.00
N THR A 55 2.89 -16.62 12.70
CA THR A 55 1.96 -17.52 12.02
C THR A 55 1.27 -16.73 10.91
N PRO A 56 0.45 -17.39 10.07
CA PRO A 56 -0.28 -16.68 9.02
C PRO A 56 -1.34 -15.71 9.57
N GLU A 57 -1.58 -15.78 10.88
N GLU A 57 -1.58 -15.77 10.88
CA GLU A 57 -2.55 -14.91 11.56
CA GLU A 57 -2.55 -14.89 11.54
C GLU A 57 -1.91 -13.74 12.30
C GLU A 57 -1.91 -13.81 12.42
N THR A 58 -0.58 -13.77 12.46
CA THR A 58 0.15 -12.67 13.12
C THR A 58 -0.14 -11.34 12.41
N LEU A 59 -0.46 -10.31 13.19
CA LEU A 59 -0.70 -8.97 12.63
C LEU A 59 0.60 -8.20 12.51
N PHE A 60 0.85 -7.66 11.33
CA PHE A 60 2.02 -6.81 11.06
C PHE A 60 1.51 -5.44 10.63
N GLU A 61 2.29 -4.38 10.91
CA GLU A 61 2.04 -3.08 10.30
C GLU A 61 2.49 -3.13 8.86
N ILE A 62 1.64 -2.67 7.93
CA ILE A 62 2.03 -2.71 6.53
C ILE A 62 2.36 -1.36 5.93
N GLY A 63 2.30 -0.32 6.75
CA GLY A 63 2.71 1.02 6.32
C GLY A 63 1.99 1.46 5.06
N SER A 64 2.75 1.98 4.09
CA SER A 64 2.17 2.50 2.84
C SER A 64 1.45 1.49 1.95
N VAL A 65 1.58 0.19 2.22
CA VAL A 65 0.71 -0.77 1.51
C VAL A 65 -0.76 -0.42 1.80
N SER A 66 -1.00 0.25 2.95
CA SER A 66 -2.34 0.76 3.29
C SER A 66 -2.95 1.61 2.18
N LYS A 67 -2.11 2.27 1.39
CA LYS A 67 -2.59 3.12 0.31
C LYS A 67 -3.39 2.37 -0.74
N THR A 68 -3.17 1.06 -0.88
CA THR A 68 -3.96 0.27 -1.83
C THR A 68 -5.39 0.06 -1.31
N PHE A 69 -5.53 -0.01 0.03
CA PHE A 69 -6.86 -0.01 0.65
C PHE A 69 -7.54 1.35 0.50
N THR A 70 -6.78 2.42 0.74
CA THR A 70 -7.28 3.78 0.56
C THR A 70 -7.76 3.98 -0.88
N ALA A 71 -6.98 3.49 -1.83
CA ALA A 71 -7.36 3.57 -3.23
C ALA A 71 -8.64 2.81 -3.55
N THR A 72 -8.88 1.71 -2.83
CA THR A 72 -10.08 0.88 -3.04
C THR A 72 -11.32 1.63 -2.56
N LEU A 73 -11.19 2.31 -1.43
N LEU A 73 -11.18 2.31 -1.42
CA LEU A 73 -12.28 3.16 -0.94
CA LEU A 73 -12.24 3.17 -0.90
C LEU A 73 -12.58 4.29 -1.91
C LEU A 73 -12.56 4.32 -1.87
N ALA A 74 -11.52 4.94 -2.42
CA ALA A 74 -11.71 5.96 -3.45
C ALA A 74 -12.37 5.39 -4.71
N GLY A 75 -11.96 4.18 -5.09
CA GLY A 75 -12.57 3.48 -6.23
C GLY A 75 -14.07 3.31 -6.05
N TYR A 76 -14.47 3.01 -4.81
CA TYR A 76 -15.88 2.89 -4.45
C TYR A 76 -16.60 4.23 -4.60
N ALA A 77 -16.05 5.29 -4.03
CA ALA A 77 -16.63 6.63 -4.20
C ALA A 77 -16.79 7.00 -5.68
N LEU A 78 -15.79 6.65 -6.49
CA LEU A 78 -15.75 7.03 -7.92
C LEU A 78 -16.81 6.33 -8.74
N THR A 79 -16.91 5.01 -8.57
CA THR A 79 -17.81 4.21 -9.39
C THR A 79 -19.25 4.32 -8.89
N GLN A 80 -19.40 4.92 -7.70
CA GLN A 80 -20.71 5.34 -7.15
C GLN A 80 -21.10 6.78 -7.49
N ASP A 81 -20.30 7.45 -8.33
CA ASP A 81 -20.58 8.82 -8.79
C ASP A 81 -20.63 9.90 -7.69
N LYS A 82 -19.90 9.69 -6.60
CA LYS A 82 -19.82 10.67 -5.50
C LYS A 82 -18.66 11.64 -5.70
N MET A 83 -17.75 11.25 -6.59
CA MET A 83 -16.61 12.09 -7.00
C MET A 83 -16.11 11.61 -8.36
N ARG A 84 -15.32 12.48 -9.00
CA ARG A 84 -14.63 12.15 -10.24
C ARG A 84 -13.15 12.49 -10.08
N LEU A 85 -12.30 11.78 -10.81
CA LEU A 85 -10.86 12.02 -10.70
C LEU A 85 -10.46 13.42 -11.16
N ASP A 86 -11.25 14.02 -12.04
CA ASP A 86 -10.99 15.37 -12.50
C ASP A 86 -11.62 16.48 -11.65
N ASP A 87 -12.30 16.11 -10.56
CA ASP A 87 -12.81 17.09 -9.58
C ASP A 87 -11.63 17.87 -9.00
N ARG A 88 -11.84 19.16 -8.76
CA ARG A 88 -10.85 19.92 -8.01
C ARG A 88 -10.98 19.53 -6.54
N ALA A 89 -9.86 19.48 -5.84
CA ALA A 89 -9.82 19.02 -4.44
C ALA A 89 -10.78 19.80 -3.56
N SER A 90 -10.81 21.12 -3.75
CA SER A 90 -11.62 21.97 -2.89
C SER A 90 -13.13 21.77 -3.07
N GLN A 91 -13.54 21.04 -4.12
CA GLN A 91 -14.96 20.67 -4.28
C GLN A 91 -15.47 19.87 -3.08
N HIS A 92 -14.58 19.12 -2.44
CA HIS A 92 -14.98 18.17 -1.40
C HIS A 92 -14.67 18.57 0.03
N TRP A 93 -14.12 19.77 0.21
CA TRP A 93 -13.83 20.31 1.54
C TRP A 93 -13.87 21.84 1.47
N PRO A 94 -14.98 22.46 1.94
CA PRO A 94 -15.12 23.92 1.84
C PRO A 94 -13.94 24.69 2.42
N ALA A 95 -13.34 24.15 3.47
CA ALA A 95 -12.15 24.74 4.11
C ALA A 95 -11.01 25.00 3.13
N LEU A 96 -10.97 24.23 2.03
CA LEU A 96 -9.92 24.40 1.01
C LEU A 96 -10.27 25.37 -0.11
N GLN A 97 -11.52 25.82 -0.17
CA GLN A 97 -11.90 26.80 -1.19
C GLN A 97 -11.11 28.08 -1.01
N GLY A 98 -10.59 28.61 -2.11
CA GLY A 98 -9.74 29.80 -2.07
C GLY A 98 -8.26 29.52 -1.89
N SER A 99 -7.92 28.27 -1.55
CA SER A 99 -6.52 27.83 -1.48
C SER A 99 -6.02 27.34 -2.85
N ARG A 100 -4.77 26.90 -2.89
CA ARG A 100 -4.19 26.38 -4.14
C ARG A 100 -4.87 25.08 -4.58
N PHE A 101 -5.63 24.47 -3.67
CA PHE A 101 -6.36 23.25 -3.98
C PHE A 101 -7.59 23.45 -4.85
N ASP A 102 -7.89 24.72 -5.16
CA ASP A 102 -8.82 25.06 -6.24
C ASP A 102 -8.29 24.59 -7.60
N GLY A 103 -6.96 24.49 -7.74
CA GLY A 103 -6.32 24.20 -9.02
C GLY A 103 -5.62 22.85 -9.08
N ILE A 104 -6.00 21.95 -8.17
CA ILE A 104 -5.38 20.64 -8.03
C ILE A 104 -6.47 19.59 -8.08
N SER A 105 -6.29 18.57 -8.92
CA SER A 105 -7.31 17.54 -9.08
C SER A 105 -7.17 16.40 -8.07
N LEU A 106 -8.25 15.64 -7.91
CA LEU A 106 -8.20 14.42 -7.11
C LEU A 106 -7.16 13.44 -7.66
N LEU A 107 -7.08 13.34 -8.99
CA LEU A 107 -6.09 12.48 -9.62
C LEU A 107 -4.67 12.92 -9.28
N ASP A 108 -4.41 14.23 -9.31
CA ASP A 108 -3.10 14.77 -8.90
C ASP A 108 -2.74 14.28 -7.50
N LEU A 109 -3.69 14.41 -6.56
CA LEU A 109 -3.45 13.99 -5.18
C LEU A 109 -3.18 12.49 -5.07
N ALA A 110 -4.00 11.69 -5.75
CA ALA A 110 -3.88 10.24 -5.71
C ALA A 110 -2.54 9.73 -6.22
N THR A 111 -1.99 10.42 -7.24
CA THR A 111 -0.80 9.96 -7.95
C THR A 111 0.43 10.83 -7.72
N TYR A 112 0.38 11.66 -6.68
CA TYR A 112 1.57 12.37 -6.17
C TYR A 112 2.07 13.47 -7.12
N THR A 113 1.18 14.04 -7.90
CA THR A 113 1.56 15.05 -8.89
C THR A 113 0.92 16.43 -8.63
N ALA A 114 0.55 16.68 -7.37
CA ALA A 114 -0.09 17.96 -6.98
C ALA A 114 0.88 19.15 -7.05
N GLY A 115 2.19 18.86 -7.08
CA GLY A 115 3.21 19.90 -7.24
C GLY A 115 4.16 20.04 -6.07
N GLY A 116 4.58 18.91 -5.50
CA GLY A 116 5.63 18.94 -4.46
C GLY A 116 5.20 18.79 -3.02
N LEU A 117 3.99 18.29 -2.78
CA LEU A 117 3.64 17.86 -1.41
C LEU A 117 4.72 16.88 -0.95
N PRO A 118 5.21 17.04 0.30
CA PRO A 118 6.41 16.30 0.71
C PRO A 118 6.12 14.86 1.12
N LEU A 119 7.19 14.09 1.35
CA LEU A 119 7.07 12.68 1.70
C LEU A 119 6.14 12.47 2.89
N GLN A 120 6.35 13.24 3.94
CA GLN A 120 5.54 13.17 5.16
C GLN A 120 5.08 14.56 5.55
N PHE A 121 4.01 14.63 6.35
CA PHE A 121 3.65 15.88 7.01
C PHE A 121 4.86 16.35 7.83
N PRO A 122 5.09 17.67 7.92
CA PRO A 122 6.17 18.12 8.81
C PRO A 122 5.87 17.74 10.26
N ASP A 123 6.92 17.63 11.06
CA ASP A 123 6.82 17.22 12.46
C ASP A 123 5.86 18.10 13.26
N SER A 124 5.72 19.35 12.81
CA SER A 124 4.89 20.36 13.49
C SER A 124 3.39 20.14 13.34
N VAL A 125 2.99 19.29 12.39
CA VAL A 125 1.57 19.00 12.16
C VAL A 125 1.16 17.74 12.94
N GLN A 126 0.30 17.94 13.94
CA GLN A 126 -0.17 16.84 14.78
C GLN A 126 -1.42 16.18 14.19
N LYS A 127 -1.86 15.08 14.79
CA LYS A 127 -3.11 14.43 14.38
C LYS A 127 -4.28 15.24 14.92
N ASP A 128 -4.70 16.22 14.11
CA ASP A 128 -5.69 17.22 14.52
C ASP A 128 -6.27 17.84 13.25
N GLN A 129 -7.60 17.83 13.13
CA GLN A 129 -8.26 18.28 11.90
C GLN A 129 -7.91 19.72 11.54
N ALA A 130 -7.86 20.59 12.55
CA ALA A 130 -7.57 22.01 12.35
C ALA A 130 -6.15 22.24 11.83
N GLN A 131 -5.19 21.51 12.41
CA GLN A 131 -3.80 21.62 12.00
C GLN A 131 -3.58 21.09 10.58
N ILE A 132 -4.29 20.02 10.25
CA ILE A 132 -4.25 19.44 8.90
C ILE A 132 -4.87 20.42 7.89
N ARG A 133 -6.04 20.94 8.22
CA ARG A 133 -6.71 21.96 7.39
C ARG A 133 -5.78 23.14 7.14
N ASP A 134 -5.20 23.68 8.21
CA ASP A 134 -4.32 24.83 8.09
C ASP A 134 -3.06 24.53 7.29
N TYR A 135 -2.55 23.30 7.40
CA TYR A 135 -1.39 22.89 6.62
C TYR A 135 -1.66 23.00 5.11
N TYR A 136 -2.78 22.43 4.67
CA TYR A 136 -3.13 22.47 3.26
C TYR A 136 -3.49 23.89 2.81
N ARG A 137 -4.15 24.65 3.68
CA ARG A 137 -4.54 26.02 3.32
C ARG A 137 -3.34 26.88 2.99
N GLN A 138 -2.24 26.66 3.70
CA GLN A 138 -1.05 27.48 3.52
C GLN A 138 -0.04 26.96 2.48
N TRP A 139 -0.18 25.69 2.09
CA TRP A 139 0.75 25.04 1.17
C TRP A 139 0.72 25.63 -0.25
N GLN A 140 1.91 25.86 -0.81
N GLN A 140 1.89 25.85 -0.83
CA GLN A 140 2.06 26.35 -2.18
CA GLN A 140 2.00 26.36 -2.20
C GLN A 140 2.82 25.32 -3.01
C GLN A 140 2.85 25.41 -3.05
N PRO A 141 2.36 25.04 -4.25
CA PRO A 141 3.12 24.16 -5.16
C PRO A 141 4.51 24.69 -5.50
N THR A 142 5.47 23.76 -5.59
CA THR A 142 6.83 24.08 -6.01
C THR A 142 6.90 24.18 -7.54
N TYR A 143 6.03 23.41 -8.20
CA TYR A 143 5.96 23.37 -9.66
C TYR A 143 4.52 23.05 -10.05
N ALA A 144 4.23 23.15 -11.34
CA ALA A 144 2.87 23.03 -11.83
C ALA A 144 2.24 21.69 -11.47
N PRO A 145 1.01 21.72 -10.92
CA PRO A 145 0.27 20.47 -10.73
C PRO A 145 0.20 19.68 -12.03
N GLY A 146 0.36 18.36 -11.93
CA GLY A 146 0.28 17.46 -13.09
C GLY A 146 1.57 17.24 -13.87
N SER A 147 2.68 17.80 -13.39
CA SER A 147 3.95 17.75 -14.13
C SER A 147 5.02 16.83 -13.55
N GLN A 148 5.11 16.75 -12.23
CA GLN A 148 6.16 15.98 -11.56
C GLN A 148 5.61 15.13 -10.44
N ARG A 149 6.07 13.88 -10.39
CA ARG A 149 5.72 12.95 -9.31
C ARG A 149 6.69 13.14 -8.15
N LEU A 150 6.15 13.40 -6.96
CA LEU A 150 6.93 13.35 -5.73
C LEU A 150 6.15 12.53 -4.72
N TYR A 151 6.65 11.33 -4.45
CA TYR A 151 5.95 10.39 -3.57
C TYR A 151 5.63 11.05 -2.21
N SER A 152 4.37 10.93 -1.79
CA SER A 152 3.89 11.79 -0.70
C SER A 152 2.71 11.23 0.09
N ASN A 153 2.89 11.06 1.40
CA ASN A 153 1.78 10.73 2.30
C ASN A 153 0.68 11.80 2.36
N PRO A 154 1.05 13.09 2.55
CA PRO A 154 -0.05 14.08 2.58
C PRO A 154 -0.82 14.19 1.26
N SER A 155 -0.20 13.82 0.14
CA SER A 155 -0.89 13.84 -1.16
C SER A 155 -2.02 12.80 -1.23
N ILE A 156 -1.65 11.53 -1.15
CA ILE A 156 -2.64 10.45 -1.22
C ILE A 156 -3.53 10.39 0.05
N GLY A 157 -3.00 10.83 1.19
CA GLY A 157 -3.78 10.98 2.42
C GLY A 157 -4.98 11.90 2.20
N LEU A 158 -4.74 13.06 1.59
CA LEU A 158 -5.83 14.00 1.30
C LEU A 158 -6.82 13.39 0.32
N PHE A 159 -6.31 12.67 -0.70
CA PHE A 159 -7.18 11.96 -1.64
C PHE A 159 -8.16 11.03 -0.91
N GLY A 160 -7.65 10.24 0.03
CA GLY A 160 -8.48 9.32 0.81
C GLY A 160 -9.46 10.07 1.70
N TYR A 161 -8.98 11.13 2.35
CA TYR A 161 -9.81 11.94 3.23
C TYR A 161 -10.99 12.57 2.45
N LEU A 162 -10.70 13.08 1.25
CA LEU A 162 -11.72 13.70 0.42
C LEU A 162 -12.70 12.65 -0.14
N ALA A 163 -12.19 11.46 -0.47
CA ALA A 163 -13.08 10.38 -0.90
C ALA A 163 -14.08 10.06 0.20
N ALA A 164 -13.60 10.02 1.45
CA ALA A 164 -14.49 9.79 2.59
C ALA A 164 -15.51 10.92 2.73
N ARG A 165 -15.06 12.17 2.58
CA ARG A 165 -15.98 13.30 2.64
C ARG A 165 -17.07 13.21 1.58
N SER A 166 -16.70 12.74 0.39
CA SER A 166 -17.65 12.61 -0.73
C SER A 166 -18.73 11.57 -0.42
N LEU A 167 -18.39 10.62 0.44
CA LEU A 167 -19.33 9.59 0.91
C LEU A 167 -20.07 9.97 2.20
N GLY A 168 -19.70 11.12 2.78
CA GLY A 168 -20.37 11.67 3.96
C GLY A 168 -20.15 10.94 5.27
N GLN A 169 -19.02 10.24 5.40
CA GLN A 169 -18.70 9.47 6.60
C GLN A 169 -17.20 9.53 6.83
N PRO A 170 -16.75 9.36 8.10
CA PRO A 170 -15.31 9.35 8.36
C PRO A 170 -14.62 8.20 7.65
N PHE A 171 -13.41 8.48 7.19
CA PHE A 171 -12.58 7.49 6.51
C PHE A 171 -12.48 6.20 7.32
N GLU A 172 -12.12 6.33 8.60
CA GLU A 172 -11.87 5.18 9.46
C GLU A 172 -13.12 4.31 9.62
N ARG A 173 -14.28 4.96 9.74
CA ARG A 173 -15.53 4.23 9.87
C ARG A 173 -15.90 3.49 8.57
N LEU A 174 -15.71 4.15 7.42
CA LEU A 174 -15.96 3.51 6.13
C LEU A 174 -15.10 2.27 5.95
N MET A 175 -13.83 2.35 6.36
CA MET A 175 -12.95 1.20 6.23
C MET A 175 -13.40 0.01 7.09
N GLU A 176 -13.69 0.29 8.36
CA GLU A 176 -14.12 -0.75 9.30
C GLU A 176 -15.48 -1.35 8.98
N GLN A 177 -16.42 -0.48 8.63
CA GLN A 177 -17.83 -0.90 8.52
C GLN A 177 -18.20 -1.36 7.11
N GLN A 178 -17.48 -0.86 6.11
CA GLN A 178 -17.82 -1.19 4.72
C GLN A 178 -16.71 -1.89 3.94
N VAL A 179 -15.51 -1.31 3.89
CA VAL A 179 -14.49 -1.84 2.99
C VAL A 179 -13.97 -3.21 3.43
N PHE A 180 -13.50 -3.30 4.68
CA PHE A 180 -12.98 -4.57 5.18
C PHE A 180 -14.02 -5.70 5.11
N PRO A 181 -15.27 -5.45 5.55
CA PRO A 181 -16.27 -6.52 5.40
C PRO A 181 -16.58 -6.90 3.95
N ALA A 182 -16.63 -5.94 3.03
CA ALA A 182 -16.88 -6.24 1.61
C ALA A 182 -15.81 -7.17 1.04
N LEU A 183 -14.58 -6.99 1.53
CA LEU A 183 -13.44 -7.79 1.07
C LEU A 183 -13.26 -9.10 1.83
N GLY A 184 -14.11 -9.34 2.83
CA GLY A 184 -14.05 -10.58 3.64
C GLY A 184 -12.89 -10.63 4.62
N LEU A 185 -12.48 -9.46 5.11
CA LEU A 185 -11.29 -9.34 5.94
C LEU A 185 -11.65 -9.13 7.42
N GLU A 186 -11.43 -10.17 8.22
CA GLU A 186 -11.72 -10.18 9.65
C GLU A 186 -10.47 -10.09 10.52
N GLN A 187 -9.30 -10.07 9.89
CA GLN A 187 -8.01 -9.95 10.57
C GLN A 187 -7.27 -8.72 10.06
N THR A 188 -8.02 -7.66 9.75
CA THR A 188 -7.49 -6.43 9.16
C THR A 188 -8.05 -5.24 9.91
N HIS A 189 -7.17 -4.37 10.44
CA HIS A 189 -7.59 -3.33 11.37
C HIS A 189 -6.87 -2.01 11.13
N LEU A 190 -7.57 -0.91 11.40
CA LEU A 190 -6.92 0.39 11.59
C LEU A 190 -6.55 0.57 13.07
N ASP A 191 -7.39 0.03 13.95
CA ASP A 191 -7.22 0.13 15.40
C ASP A 191 -7.42 -1.28 15.94
N VAL A 192 -6.32 -1.96 16.28
CA VAL A 192 -6.38 -3.38 16.66
C VAL A 192 -7.19 -3.54 17.94
N PRO A 193 -8.26 -4.36 17.91
CA PRO A 193 -9.03 -4.59 19.13
C PRO A 193 -8.20 -5.18 20.25
N GLU A 194 -8.52 -4.82 21.49
CA GLU A 194 -7.86 -5.39 22.67
C GLU A 194 -7.77 -6.91 22.62
N ALA A 195 -8.87 -7.53 22.20
CA ALA A 195 -8.99 -8.99 22.15
C ALA A 195 -8.04 -9.62 21.14
N ALA A 196 -7.51 -8.82 20.22
CA ALA A 196 -6.63 -9.31 19.15
C ALA A 196 -5.17 -8.90 19.36
N LEU A 197 -4.89 -8.16 20.44
CA LEU A 197 -3.52 -7.67 20.67
C LEU A 197 -2.48 -8.77 20.81
N ALA A 198 -2.91 -9.97 21.23
CA ALA A 198 -2.02 -11.11 21.35
C ALA A 198 -1.45 -11.53 20.00
N GLN A 199 -2.13 -11.13 18.92
CA GLN A 199 -1.67 -11.43 17.56
C GLN A 199 -0.74 -10.36 16.98
N TYR A 200 -0.63 -9.21 17.66
CA TYR A 200 0.08 -8.05 17.10
C TYR A 200 1.58 -8.21 17.36
N ALA A 201 2.35 -8.39 16.29
CA ALA A 201 3.81 -8.53 16.41
C ALA A 201 4.45 -7.28 17.02
N GLN A 202 5.60 -7.49 17.66
CA GLN A 202 6.48 -6.40 18.04
C GLN A 202 7.27 -5.96 16.82
N GLY A 203 7.47 -4.66 16.66
CA GLY A 203 8.40 -4.16 15.65
C GLY A 203 9.75 -3.86 16.28
N TYR A 204 10.80 -3.94 15.47
CA TYR A 204 12.17 -3.76 15.95
C TYR A 204 12.97 -2.78 15.10
N GLY A 205 13.64 -1.84 15.77
CA GLY A 205 14.53 -0.90 15.07
C GLY A 205 15.99 -1.04 15.49
N LYS A 206 16.70 0.09 15.50
CA LYS A 206 18.10 0.15 15.90
C LYS A 206 18.26 -0.30 17.35
N ASP A 207 19.28 -1.13 17.58
CA ASP A 207 19.57 -1.73 18.89
C ASP A 207 18.38 -2.55 19.40
N ASP A 208 17.58 -3.05 18.44
CA ASP A 208 16.35 -3.78 18.72
C ASP A 208 15.38 -3.08 19.68
N ARG A 209 15.34 -1.75 19.63
CA ARG A 209 14.31 -1.01 20.37
C ARG A 209 12.93 -1.42 19.83
N PRO A 210 11.95 -1.58 20.74
CA PRO A 210 10.62 -1.97 20.30
C PRO A 210 9.87 -0.79 19.69
N LEU A 211 9.20 -1.04 18.58
CA LEU A 211 8.57 0.04 17.82
C LEU A 211 7.25 -0.39 17.22
N ARG A 212 6.18 0.23 17.71
CA ARG A 212 4.87 0.13 17.08
C ARG A 212 4.40 1.53 16.69
N VAL A 213 3.60 1.62 15.64
CA VAL A 213 3.29 2.91 15.05
C VAL A 213 2.35 3.73 15.94
N GLY A 214 2.67 5.01 16.09
CA GLY A 214 1.85 5.91 16.87
C GLY A 214 0.97 6.77 15.98
N PRO A 215 0.07 7.54 16.60
CA PRO A 215 -0.85 8.41 15.86
C PRO A 215 -0.13 9.50 15.09
N GLY A 216 -0.67 9.84 13.92
CA GLY A 216 -0.15 10.94 13.12
C GLY A 216 -1.23 11.43 12.19
N PRO A 217 -1.03 12.62 11.60
CA PRO A 217 -2.04 13.21 10.70
C PRO A 217 -2.28 12.34 9.47
N LEU A 218 -3.55 12.06 9.20
CA LEU A 218 -3.98 11.20 8.08
C LEU A 218 -3.27 9.85 8.11
N ASP A 219 -3.03 9.33 9.32
CA ASP A 219 -2.37 8.03 9.46
C ASP A 219 -3.19 6.88 8.88
N ALA A 220 -4.51 6.91 9.07
CA ALA A 220 -5.38 5.86 8.55
C ALA A 220 -5.26 5.76 7.03
N GLU A 221 -5.31 6.91 6.37
CA GLU A 221 -5.25 7.00 4.91
C GLU A 221 -3.90 6.61 4.32
N GLY A 222 -2.81 6.97 5.00
CA GLY A 222 -1.47 6.76 4.45
C GLY A 222 -0.80 5.47 4.86
N TYR A 223 -1.04 5.04 6.10
CA TYR A 223 -0.26 3.93 6.65
C TYR A 223 -0.96 3.25 7.84
N GLY A 224 -2.29 3.24 7.82
CA GLY A 224 -3.09 2.83 8.98
C GLY A 224 -3.26 1.36 9.28
N VAL A 225 -2.98 0.51 8.30
CA VAL A 225 -3.44 -0.89 8.38
C VAL A 225 -2.48 -1.83 9.10
N LYS A 226 -3.04 -2.63 10.02
CA LYS A 226 -2.38 -3.78 10.60
C LYS A 226 -3.15 -5.01 10.12
N THR A 227 -2.44 -5.98 9.55
CA THR A 227 -3.12 -7.16 8.99
C THR A 227 -2.21 -8.38 9.03
N SER A 228 -2.81 -9.54 8.80
CA SER A 228 -2.07 -10.80 8.75
C SER A 228 -1.68 -11.13 7.32
N ALA A 229 -0.71 -12.04 7.17
CA ALA A 229 -0.32 -12.49 5.84
C ALA A 229 -1.50 -13.15 5.14
N ALA A 230 -2.30 -13.90 5.91
CA ALA A 230 -3.49 -14.56 5.35
C ALA A 230 -4.51 -13.54 4.84
N ASP A 231 -4.79 -12.50 5.62
CA ASP A 231 -5.76 -11.50 5.19
C ASP A 231 -5.25 -10.68 4.01
N LEU A 232 -3.97 -10.31 4.04
CA LEU A 232 -3.42 -9.52 2.94
C LEU A 232 -3.44 -10.31 1.64
N LEU A 233 -3.19 -11.62 1.73
CA LEU A 233 -3.33 -12.47 0.55
C LEU A 233 -4.79 -12.56 0.05
N ARG A 234 -5.75 -12.59 0.98
CA ARG A 234 -7.16 -12.50 0.61
C ARG A 234 -7.42 -11.24 -0.22
N PHE A 235 -6.80 -10.13 0.19
CA PHE A 235 -6.92 -8.87 -0.55
C PHE A 235 -6.26 -8.98 -1.92
N VAL A 236 -5.07 -9.60 -1.98
CA VAL A 236 -4.45 -9.87 -3.28
C VAL A 236 -5.37 -10.71 -4.19
N ASP A 237 -6.02 -11.72 -3.62
CA ASP A 237 -6.92 -12.57 -4.40
C ASP A 237 -8.16 -11.81 -4.90
N ALA A 238 -8.65 -10.85 -4.12
CA ALA A 238 -9.72 -9.97 -4.57
C ALA A 238 -9.24 -9.12 -5.75
N ASN A 239 -7.99 -8.67 -5.70
CA ASN A 239 -7.40 -7.93 -6.81
C ASN A 239 -7.20 -8.79 -8.07
N LEU A 240 -6.88 -10.07 -7.86
CA LEU A 240 -6.72 -10.99 -8.99
C LEU A 240 -8.05 -11.37 -9.64
N HIS A 241 -9.12 -11.36 -8.84
CA HIS A 241 -10.46 -11.75 -9.31
C HIS A 241 -11.57 -10.84 -8.78
N PRO A 242 -11.58 -9.56 -9.22
CA PRO A 242 -12.58 -8.62 -8.71
C PRO A 242 -14.00 -9.09 -9.04
N GLU A 243 -14.15 -9.87 -10.11
CA GLU A 243 -15.47 -10.37 -10.54
C GLU A 243 -16.12 -11.33 -9.54
N ARG A 244 -15.34 -11.80 -8.57
CA ARG A 244 -15.88 -12.67 -7.52
C ARG A 244 -16.59 -11.90 -6.40
N LEU A 245 -16.47 -10.56 -6.44
CA LEU A 245 -17.15 -9.70 -5.47
C LEU A 245 -18.41 -9.11 -6.07
N ASP A 246 -19.34 -8.73 -5.21
CA ASP A 246 -20.54 -8.00 -5.63
C ASP A 246 -20.14 -6.77 -6.44
N ARG A 247 -20.94 -6.45 -7.46
CA ARG A 247 -20.53 -5.52 -8.51
C ARG A 247 -19.95 -4.17 -8.06
N PRO A 248 -20.56 -3.52 -7.03
CA PRO A 248 -20.00 -2.24 -6.59
C PRO A 248 -18.55 -2.36 -6.13
N TRP A 249 -18.22 -3.45 -5.45
CA TRP A 249 -16.84 -3.67 -4.99
C TRP A 249 -15.92 -4.20 -6.08
N ALA A 250 -16.47 -4.97 -7.01
CA ALA A 250 -15.70 -5.36 -8.18
C ALA A 250 -15.21 -4.14 -8.95
N GLN A 251 -16.10 -3.16 -9.15
CA GLN A 251 -15.78 -1.93 -9.87
C GLN A 251 -14.78 -1.10 -9.08
N ALA A 252 -14.89 -1.11 -7.75
CA ALA A 252 -13.96 -0.37 -6.90
C ALA A 252 -12.54 -0.90 -7.05
N LEU A 253 -12.40 -2.23 -7.04
CA LEU A 253 -11.10 -2.86 -7.24
C LEU A 253 -10.54 -2.58 -8.64
N ASP A 254 -11.40 -2.66 -9.65
CA ASP A 254 -11.00 -2.36 -11.04
C ASP A 254 -10.42 -0.95 -11.18
N ALA A 255 -10.96 0.00 -10.43
CA ALA A 255 -10.52 1.39 -10.48
C ALA A 255 -9.07 1.55 -10.01
N THR A 256 -8.58 0.57 -9.24
CA THR A 256 -7.17 0.58 -8.80
C THR A 256 -6.23 -0.14 -9.79
N HIS A 257 -6.78 -0.57 -10.91
CA HIS A 257 -5.99 -1.25 -11.96
C HIS A 257 -5.97 -0.43 -13.26
N ARG A 258 -5.81 0.88 -13.10
CA ARG A 258 -5.79 1.80 -14.23
C ARG A 258 -4.58 2.72 -14.11
N GLY A 259 -3.73 2.74 -15.14
CA GLY A 259 -2.51 3.55 -15.10
C GLY A 259 -2.70 4.89 -15.78
N TYR A 260 -2.11 5.93 -15.19
CA TYR A 260 -2.30 7.30 -15.68
C TYR A 260 -1.06 7.96 -16.31
N TYR A 261 0.14 7.52 -15.91
CA TYR A 261 1.38 8.05 -16.46
C TYR A 261 2.51 7.05 -16.18
N LYS A 262 3.65 7.25 -16.82
CA LYS A 262 4.83 6.45 -16.55
C LYS A 262 5.96 7.31 -16.02
N VAL A 263 6.73 6.74 -15.10
CA VAL A 263 8.04 7.27 -14.72
C VAL A 263 9.02 6.11 -14.89
N GLY A 264 9.96 6.25 -15.83
CA GLY A 264 10.83 5.13 -16.16
C GLY A 264 10.06 3.87 -16.51
N ASP A 265 10.36 2.80 -15.77
CA ASP A 265 9.74 1.49 -16.01
C ASP A 265 8.38 1.32 -15.33
N MET A 266 7.99 2.30 -14.51
CA MET A 266 6.81 2.17 -13.64
C MET A 266 5.59 2.93 -14.20
N THR A 267 4.43 2.27 -14.19
CA THR A 267 3.17 2.91 -14.56
C THR A 267 2.36 3.09 -13.27
N GLN A 268 1.98 4.33 -12.98
CA GLN A 268 1.29 4.69 -11.74
C GLN A 268 -0.23 4.53 -11.83
N GLY A 269 -0.78 3.67 -10.96
CA GLY A 269 -2.22 3.55 -10.77
C GLY A 269 -2.65 4.24 -9.49
N LEU A 270 -3.88 3.96 -9.05
CA LEU A 270 -4.32 4.38 -7.72
C LEU A 270 -3.82 3.36 -6.70
N GLY A 271 -2.83 3.78 -5.90
CA GLY A 271 -2.19 2.89 -4.95
C GLY A 271 -1.15 1.98 -5.60
N TRP A 272 -1.60 1.08 -6.47
CA TRP A 272 -0.70 0.14 -7.16
C TRP A 272 0.25 0.81 -8.15
N GLU A 273 1.46 0.27 -8.22
CA GLU A 273 2.47 0.66 -9.20
C GLU A 273 2.80 -0.56 -10.04
N ALA A 274 2.84 -0.37 -11.36
CA ALA A 274 2.94 -1.51 -12.29
C ALA A 274 4.18 -1.51 -13.17
N TYR A 275 4.65 -2.71 -13.49
CA TYR A 275 5.79 -2.93 -14.40
C TYR A 275 5.41 -3.96 -15.45
N ASP A 276 6.05 -3.88 -16.62
CA ASP A 276 5.96 -4.98 -17.57
C ASP A 276 6.58 -6.22 -16.95
N TRP A 277 6.05 -7.39 -17.30
CA TRP A 277 6.54 -8.65 -16.75
C TRP A 277 6.73 -9.66 -17.87
N PRO A 278 7.92 -10.27 -17.97
CA PRO A 278 9.08 -10.13 -17.09
C PRO A 278 9.85 -8.83 -17.25
N ILE A 279 10.59 -8.48 -16.21
CA ILE A 279 11.55 -7.38 -16.19
C ILE A 279 12.67 -7.82 -15.26
N SER A 280 13.86 -7.21 -15.38
CA SER A 280 15.00 -7.62 -14.56
C SER A 280 14.79 -7.30 -13.08
N LEU A 281 15.43 -8.07 -12.22
CA LEU A 281 15.41 -7.74 -10.79
C LEU A 281 15.95 -6.33 -10.53
N LYS A 282 17.06 -5.98 -11.19
CA LYS A 282 17.63 -4.65 -10.96
C LYS A 282 16.68 -3.51 -11.33
N ARG A 283 15.90 -3.66 -12.40
CA ARG A 283 14.91 -2.65 -12.77
C ARG A 283 13.76 -2.55 -11.75
N LEU A 284 13.31 -3.69 -11.26
CA LEU A 284 12.24 -3.69 -10.26
C LEU A 284 12.73 -3.07 -8.95
N GLN A 285 13.98 -3.37 -8.57
CA GLN A 285 14.59 -2.73 -7.41
C GLN A 285 14.71 -1.21 -7.59
N ALA A 286 15.14 -0.78 -8.78
CA ALA A 286 15.29 0.65 -9.07
C ALA A 286 13.95 1.38 -8.93
N GLY A 287 12.88 0.76 -9.41
CA GLY A 287 11.54 1.35 -9.30
C GLY A 287 11.03 1.46 -7.87
N ASN A 288 11.63 0.67 -6.97
CA ASN A 288 11.28 0.69 -5.55
C ASN A 288 12.43 1.22 -4.69
N SER A 289 13.24 2.09 -5.27
CA SER A 289 14.45 2.58 -4.61
C SER A 289 14.22 3.91 -3.88
N THR A 290 15.22 4.29 -3.07
CA THR A 290 15.14 5.52 -2.28
C THR A 290 15.01 6.76 -3.18
N PRO A 291 15.85 6.88 -4.24
CA PRO A 291 15.72 8.05 -5.11
C PRO A 291 14.36 8.13 -5.81
N MET A 292 13.78 6.99 -6.13
CA MET A 292 12.44 6.98 -6.70
C MET A 292 11.39 7.58 -5.74
N ALA A 293 11.52 7.29 -4.45
CA ALA A 293 10.61 7.79 -3.42
C ALA A 293 10.90 9.23 -3.00
N LEU A 294 12.17 9.64 -3.04
CA LEU A 294 12.57 10.89 -2.39
C LEU A 294 12.78 12.09 -3.31
N GLN A 295 12.89 11.83 -4.62
CA GLN A 295 13.17 12.89 -5.59
C GLN A 295 12.00 13.07 -6.57
N PRO A 296 11.81 14.31 -7.06
CA PRO A 296 10.76 14.54 -8.06
C PRO A 296 11.16 13.98 -9.41
N HIS A 297 10.21 13.38 -10.11
CA HIS A 297 10.45 12.85 -11.46
C HIS A 297 9.39 13.40 -12.43
N ARG A 298 9.84 13.91 -13.57
CA ARG A 298 8.93 14.32 -14.64
C ARG A 298 8.14 13.11 -15.13
N ILE A 299 6.84 13.29 -15.29
CA ILE A 299 5.97 12.20 -15.72
C ILE A 299 5.82 12.16 -17.25
N ALA A 300 5.54 10.97 -17.77
CA ALA A 300 5.10 10.82 -19.15
C ALA A 300 3.62 10.43 -19.14
N ARG A 301 2.74 11.40 -19.36
CA ARG A 301 1.31 11.16 -19.28
C ARG A 301 0.84 10.27 -20.43
N LEU A 302 -0.05 9.32 -20.10
CA LEU A 302 -0.64 8.44 -21.11
C LEU A 302 -1.83 9.14 -21.80
N PRO A 303 -2.05 8.85 -23.09
CA PRO A 303 -3.16 9.44 -23.86
C PRO A 303 -4.54 9.07 -23.33
N ALA A 304 -4.64 7.92 -22.66
CA ALA A 304 -5.86 7.47 -22.01
C ALA A 304 -5.45 6.50 -20.90
N PRO A 305 -6.32 6.31 -19.88
CA PRO A 305 -6.01 5.35 -18.82
C PRO A 305 -5.72 3.95 -19.39
N GLN A 306 -4.69 3.31 -18.86
CA GLN A 306 -4.25 2.01 -19.36
C GLN A 306 -4.64 0.91 -18.39
N ALA A 307 -5.22 -0.18 -18.91
CA ALA A 307 -5.58 -1.30 -18.04
C ALA A 307 -4.32 -1.98 -17.50
N LEU A 308 -4.23 -2.09 -16.17
CA LEU A 308 -3.11 -2.74 -15.52
C LEU A 308 -3.44 -4.21 -15.28
N GLU A 309 -3.21 -5.01 -16.30
CA GLU A 309 -3.62 -6.41 -16.31
C GLU A 309 -2.71 -7.19 -17.25
N GLY A 310 -2.96 -8.48 -17.40
CA GLY A 310 -2.17 -9.30 -18.32
C GLY A 310 -0.74 -9.48 -17.84
N GLN A 311 0.21 -9.24 -18.74
CA GLN A 311 1.63 -9.51 -18.46
C GLN A 311 2.30 -8.34 -17.76
N ARG A 312 1.87 -8.10 -16.53
CA ARG A 312 2.37 -7.00 -15.72
C ARG A 312 2.53 -7.49 -14.29
N LEU A 313 3.42 -6.81 -13.56
CA LEU A 313 3.55 -7.02 -12.14
C LEU A 313 3.10 -5.74 -11.43
N LEU A 314 2.11 -5.88 -10.54
CA LEU A 314 1.64 -4.75 -9.74
C LEU A 314 2.18 -4.96 -8.34
N ASN A 315 2.66 -3.88 -7.72
CA ASN A 315 3.27 -4.01 -6.40
C ASN A 315 3.08 -2.76 -5.54
N LYS A 316 3.38 -2.91 -4.25
CA LYS A 316 3.53 -1.77 -3.33
C LYS A 316 4.44 -2.14 -2.17
N THR A 317 5.39 -1.24 -1.88
CA THR A 317 6.18 -1.29 -0.64
C THR A 317 5.52 -0.45 0.46
N GLY A 318 5.80 -0.81 1.72
CA GLY A 318 5.35 0.00 2.84
C GLY A 318 6.19 -0.29 4.06
N SER A 319 6.45 0.74 4.86
CA SER A 319 7.27 0.60 6.06
C SER A 319 6.74 1.48 7.17
N THR A 320 6.95 1.03 8.40
CA THR A 320 6.82 1.91 9.56
C THR A 320 8.18 1.87 10.25
N ASN A 321 8.31 2.55 11.39
CA ASN A 321 9.61 2.53 12.07
C ASN A 321 10.10 1.12 12.37
N GLY A 322 9.17 0.21 12.67
CA GLY A 322 9.52 -1.14 13.07
C GLY A 322 9.17 -2.28 12.14
N PHE A 323 8.61 -1.99 10.97
CA PHE A 323 8.05 -3.03 10.08
C PHE A 323 8.37 -2.76 8.63
N GLY A 324 8.46 -3.81 7.83
CA GLY A 324 8.61 -3.68 6.38
C GLY A 324 7.81 -4.71 5.63
N ALA A 325 6.96 -4.22 4.73
CA ALA A 325 6.00 -5.03 3.98
C ALA A 325 6.22 -4.86 2.48
N TYR A 326 5.87 -5.90 1.73
CA TYR A 326 5.88 -5.84 0.27
C TYR A 326 4.82 -6.77 -0.27
N VAL A 327 4.10 -6.30 -1.29
CA VAL A 327 3.06 -7.09 -1.95
C VAL A 327 3.27 -6.98 -3.45
N ALA A 328 3.15 -8.11 -4.16
CA ALA A 328 3.28 -8.14 -5.62
C ALA A 328 2.34 -9.18 -6.21
N PHE A 329 1.74 -8.88 -7.36
CA PHE A 329 0.90 -9.85 -8.05
C PHE A 329 0.95 -9.68 -9.57
N VAL A 330 0.71 -10.79 -10.28
CA VAL A 330 0.73 -10.81 -11.74
C VAL A 330 -0.66 -11.19 -12.23
N PRO A 331 -1.47 -10.20 -12.65
CA PRO A 331 -2.87 -10.46 -13.05
C PRO A 331 -3.00 -11.58 -14.08
N GLY A 332 -2.18 -11.56 -15.12
CA GLY A 332 -2.33 -12.53 -16.21
C GLY A 332 -1.89 -13.94 -15.87
N ARG A 333 -1.29 -14.12 -14.70
CA ARG A 333 -0.86 -15.45 -14.25
C ARG A 333 -1.59 -15.96 -13.01
N ASP A 334 -2.55 -15.18 -12.50
CA ASP A 334 -3.31 -15.56 -11.31
C ASP A 334 -2.33 -15.93 -10.18
N LEU A 335 -1.36 -15.04 -9.97
CA LEU A 335 -0.24 -15.31 -9.07
C LEU A 335 -0.06 -14.09 -8.17
N GLY A 336 0.03 -14.32 -6.86
CA GLY A 336 0.22 -13.20 -5.93
C GLY A 336 1.08 -13.60 -4.74
N LEU A 337 1.72 -12.60 -4.14
CA LEU A 337 2.48 -12.88 -2.93
C LEU A 337 2.56 -11.70 -1.99
N VAL A 338 2.66 -12.00 -0.70
N VAL A 338 2.76 -12.03 -0.72
CA VAL A 338 2.87 -10.97 0.31
CA VAL A 338 2.80 -11.11 0.39
C VAL A 338 4.04 -11.40 1.17
C VAL A 338 4.03 -11.43 1.23
N ILE A 339 4.83 -10.42 1.59
CA ILE A 339 6.00 -10.63 2.46
C ILE A 339 5.94 -9.58 3.58
N LEU A 340 5.66 -10.03 4.80
CA LEU A 340 5.55 -9.12 5.95
C LEU A 340 6.63 -9.41 6.98
N ALA A 341 7.28 -8.36 7.45
CA ALA A 341 8.38 -8.51 8.43
C ALA A 341 8.29 -7.48 9.54
N ASN A 342 8.81 -7.85 10.72
CA ASN A 342 8.87 -6.92 11.85
C ASN A 342 10.24 -6.26 12.04
N ARG A 343 10.87 -5.95 10.91
CA ARG A 343 11.93 -4.94 10.84
C ARG A 343 11.76 -4.17 9.54
N ASN A 344 12.02 -2.87 9.60
CA ASN A 344 12.13 -2.06 8.39
C ASN A 344 13.49 -2.34 7.75
N TYR A 345 13.50 -3.23 6.76
CA TYR A 345 14.72 -3.59 6.05
C TYR A 345 14.62 -3.10 4.60
N PRO A 346 15.76 -2.92 3.92
CA PRO A 346 15.72 -2.23 2.63
C PRO A 346 14.74 -2.80 1.60
N ASN A 347 14.05 -1.90 0.89
CA ASN A 347 13.10 -2.30 -0.15
C ASN A 347 13.72 -3.29 -1.13
N ALA A 348 14.98 -3.06 -1.50
CA ALA A 348 15.65 -3.92 -2.48
C ALA A 348 15.72 -5.38 -2.04
N GLU A 349 15.84 -5.60 -0.73
CA GLU A 349 15.89 -6.94 -0.15
C GLU A 349 14.52 -7.63 -0.20
N ARG A 350 13.44 -6.84 0.00
CA ARG A 350 12.09 -7.37 -0.09
C ARG A 350 11.81 -7.83 -1.51
N VAL A 351 12.21 -6.99 -2.46
CA VAL A 351 12.01 -7.29 -3.87
C VAL A 351 12.85 -8.50 -4.29
N LYS A 352 14.06 -8.62 -3.74
CA LYS A 352 14.92 -9.77 -3.99
C LYS A 352 14.25 -11.10 -3.58
N ILE A 353 13.62 -11.13 -2.40
CA ILE A 353 12.88 -12.32 -1.97
C ILE A 353 11.75 -12.63 -2.97
N ALA A 354 10.93 -11.63 -3.26
CA ALA A 354 9.79 -11.81 -4.16
C ALA A 354 10.24 -12.33 -5.52
N TYR A 355 11.30 -11.74 -6.05
CA TYR A 355 11.79 -12.08 -7.39
C TYR A 355 12.28 -13.53 -7.44
N ALA A 356 12.98 -13.95 -6.38
CA ALA A 356 13.46 -15.33 -6.28
C ALA A 356 12.30 -16.32 -6.29
N ILE A 357 11.23 -15.98 -5.57
CA ILE A 357 10.04 -16.84 -5.51
C ILE A 357 9.35 -16.86 -6.88
N LEU A 358 9.13 -15.69 -7.47
CA LEU A 358 8.47 -15.62 -8.78
C LEU A 358 9.28 -16.33 -9.87
N SER A 359 10.59 -16.15 -9.87
CA SER A 359 11.49 -16.80 -10.84
C SER A 359 11.47 -18.32 -10.72
N GLY A 360 11.42 -18.81 -9.48
CA GLY A 360 11.41 -20.23 -9.20
C GLY A 360 10.11 -20.89 -9.61
N LEU A 361 9.00 -20.15 -9.49
CA LEU A 361 7.70 -20.65 -9.93
C LEU A 361 7.59 -20.68 -11.45
N GLU A 362 8.24 -19.74 -12.12
CA GLU A 362 8.28 -19.68 -13.58
C GLU A 362 9.24 -20.71 -14.17
#